data_2P9X
#
_entry.id   2P9X
#
_cell.length_a   62.357
_cell.length_b   65.870
_cell.length_c   104.050
_cell.angle_alpha   90.00
_cell.angle_beta   90.00
_cell.angle_gamma   90.00
#
_symmetry.space_group_name_H-M   'P 21 21 21'
#
loop_
_entity.id
_entity.type
_entity.pdbx_description
1 polymer 'Hypothetical protein PH0832'
2 non-polymer 'ACETATE ION'
3 non-polymer 'ZINC ION'
4 water water
#
_entity_poly.entity_id   1
_entity_poly.type   'polypeptide(L)'
_entity_poly.pdbx_seq_one_letter_code
;MSKGRDILTKTIILALREVAPGLEAVLEAHLRATLNSGIELAYDDPQKFKEAVSKLFGEYSARLLEMVIISKLKGRLGED
IEANSLEELVSEIRKIYGE
;
_entity_poly.pdbx_strand_id   A,B,C,D
#
# COMPACT_ATOMS: atom_id res chain seq x y z
N SER A 2 -31.56 6.10 -0.65
CA SER A 2 -32.43 5.23 -1.50
C SER A 2 -32.15 3.77 -1.20
N LYS A 3 -32.99 2.90 -1.74
CA LYS A 3 -32.81 1.46 -1.55
C LYS A 3 -31.44 1.04 -2.10
N GLY A 4 -31.09 1.56 -3.28
CA GLY A 4 -29.81 1.19 -3.87
C GLY A 4 -28.61 1.72 -3.12
N ARG A 5 -28.71 2.95 -2.63
CA ARG A 5 -27.62 3.57 -1.90
C ARG A 5 -27.40 2.81 -0.59
N ASP A 6 -28.51 2.44 0.05
CA ASP A 6 -28.45 1.70 1.31
C ASP A 6 -27.81 0.32 1.10
N ILE A 7 -28.28 -0.40 0.09
CA ILE A 7 -27.75 -1.73 -0.19
C ILE A 7 -26.28 -1.72 -0.58
N LEU A 8 -25.88 -0.77 -1.41
CA LEU A 8 -24.47 -0.73 -1.81
C LEU A 8 -23.58 -0.37 -0.63
N THR A 9 -23.97 0.66 0.11
CA THR A 9 -23.18 1.09 1.26
C THR A 9 -23.02 0.00 2.30
N LYS A 10 -24.13 -0.66 2.67
CA LYS A 10 -24.05 -1.71 3.67
C LYS A 10 -23.20 -2.89 3.18
N THR A 11 -23.35 -3.24 1.91
CA THR A 11 -22.59 -4.36 1.36
C THR A 11 -21.10 -4.05 1.45
N ILE A 12 -20.73 -2.81 1.15
CA ILE A 12 -19.32 -2.42 1.21
C ILE A 12 -18.83 -2.48 2.66
N ILE A 13 -19.62 -1.93 3.57
CA ILE A 13 -19.25 -1.93 4.98
C ILE A 13 -19.02 -3.36 5.48
N LEU A 14 -19.89 -4.29 5.10
CA LEU A 14 -19.71 -5.67 5.54
C LEU A 14 -18.45 -6.27 4.93
N ALA A 15 -18.15 -5.89 3.69
CA ALA A 15 -16.95 -6.40 3.03
C ALA A 15 -15.70 -5.90 3.78
N LEU A 16 -15.70 -4.64 4.18
CA LEU A 16 -14.55 -4.10 4.89
C LEU A 16 -14.36 -4.83 6.22
N ARG A 17 -15.46 -5.11 6.91
CA ARG A 17 -15.38 -5.81 8.20
C ARG A 17 -14.88 -7.24 8.00
N GLU A 18 -15.18 -7.83 6.84
CA GLU A 18 -14.73 -9.18 6.54
C GLU A 18 -13.23 -9.20 6.27
N VAL A 19 -12.73 -8.15 5.63
CA VAL A 19 -11.31 -8.05 5.32
C VAL A 19 -10.46 -8.07 6.59
N ALA A 20 -10.71 -7.11 7.47
CA ALA A 20 -9.95 -7.02 8.71
C ALA A 20 -10.64 -6.05 9.67
N PRO A 21 -10.47 -6.26 10.99
CA PRO A 21 -11.07 -5.44 12.03
C PRO A 21 -10.96 -3.93 11.86
N GLY A 22 -9.81 -3.45 11.43
CA GLY A 22 -9.64 -2.01 11.31
C GLY A 22 -9.82 -1.34 9.97
N LEU A 23 -10.13 -2.10 8.92
CA LEU A 23 -10.27 -1.46 7.61
C LEU A 23 -11.37 -0.41 7.55
N GLU A 24 -12.52 -0.68 8.17
CA GLU A 24 -13.59 0.31 8.14
C GLU A 24 -13.11 1.62 8.74
N ALA A 25 -12.48 1.55 9.92
CA ALA A 25 -12.00 2.76 10.57
C ALA A 25 -10.92 3.46 9.76
N VAL A 26 -10.03 2.68 9.16
CA VAL A 26 -8.94 3.26 8.37
C VAL A 26 -9.46 3.95 7.12
N LEU A 27 -10.30 3.27 6.35
CA LEU A 27 -10.82 3.89 5.13
C LEU A 27 -11.68 5.09 5.48
N GLU A 28 -12.50 4.98 6.53
CA GLU A 28 -13.35 6.10 6.90
C GLU A 28 -12.54 7.31 7.36
N ALA A 29 -11.44 7.07 8.05
CA ALA A 29 -10.60 8.19 8.49
C ALA A 29 -10.05 8.90 7.26
N HIS A 30 -9.63 8.11 6.27
CA HIS A 30 -9.09 8.65 5.04
C HIS A 30 -10.11 9.46 4.26
N LEU A 31 -11.32 8.91 4.11
CA LEU A 31 -12.37 9.62 3.36
C LEU A 31 -12.81 10.89 4.08
N ARG A 32 -12.85 10.83 5.40
CA ARG A 32 -13.27 11.97 6.21
C ARG A 32 -12.26 13.10 6.09
N ALA A 33 -10.99 12.77 6.24
CA ALA A 33 -9.92 13.76 6.18
C ALA A 33 -9.66 14.35 4.79
N THR A 34 -9.83 13.56 3.75
CA THR A 34 -9.55 14.04 2.40
C THR A 34 -10.73 14.55 1.59
N LEU A 35 -11.94 14.06 1.90
CA LEU A 35 -13.12 14.49 1.14
C LEU A 35 -14.33 14.79 2.01
N ASN A 36 -14.15 14.76 3.33
CA ASN A 36 -15.24 15.01 4.26
C ASN A 36 -16.44 14.17 3.84
N SER A 37 -16.18 12.91 3.55
CA SER A 37 -17.23 11.98 3.12
C SER A 37 -17.11 10.64 3.82
N GLY A 38 -18.18 9.86 3.73
CA GLY A 38 -18.21 8.53 4.32
C GLY A 38 -18.23 7.50 3.19
N ILE A 39 -18.46 6.24 3.54
CA ILE A 39 -18.47 5.15 2.56
C ILE A 39 -19.59 5.30 1.54
N GLU A 40 -20.61 6.08 1.87
CA GLU A 40 -21.71 6.31 0.96
C GLU A 40 -21.24 6.99 -0.32
N LEU A 41 -20.01 7.49 -0.31
CA LEU A 41 -19.43 8.14 -1.48
C LEU A 41 -19.34 7.15 -2.64
N ALA A 42 -19.25 5.86 -2.32
CA ALA A 42 -19.14 4.83 -3.34
C ALA A 42 -20.36 4.90 -4.27
N TYR A 43 -21.52 5.20 -3.69
CA TYR A 43 -22.74 5.31 -4.47
C TYR A 43 -22.89 6.71 -5.07
N ASP A 44 -22.64 7.73 -4.25
CA ASP A 44 -22.78 9.12 -4.72
C ASP A 44 -21.83 9.53 -5.83
N ASP A 45 -20.59 9.04 -5.78
CA ASP A 45 -19.60 9.36 -6.79
C ASP A 45 -18.58 8.23 -6.82
N PRO A 46 -18.94 7.11 -7.45
CA PRO A 46 -18.04 5.94 -7.55
C PRO A 46 -16.64 6.24 -8.06
N GLN A 47 -16.52 7.11 -9.06
CA GLN A 47 -15.21 7.44 -9.59
C GLN A 47 -14.34 8.11 -8.51
N LYS A 48 -14.93 9.03 -7.76
CA LYS A 48 -14.19 9.73 -6.70
C LYS A 48 -13.84 8.76 -5.58
N PHE A 49 -14.73 7.82 -5.29
CA PHE A 49 -14.48 6.84 -4.24
C PHE A 49 -13.29 5.97 -4.67
N LYS A 50 -13.30 5.53 -5.92
CA LYS A 50 -12.21 4.70 -6.43
C LYS A 50 -10.90 5.46 -6.35
N GLU A 51 -10.94 6.72 -6.76
CA GLU A 51 -9.75 7.57 -6.74
C GLU A 51 -9.22 7.68 -5.30
N ALA A 52 -10.14 7.88 -4.34
CA ALA A 52 -9.76 8.01 -2.94
C ALA A 52 -9.09 6.75 -2.38
N VAL A 53 -9.65 5.58 -2.69
CA VAL A 53 -9.05 4.34 -2.20
C VAL A 53 -7.67 4.15 -2.84
N SER A 54 -7.53 4.54 -4.10
CA SER A 54 -6.26 4.41 -4.79
C SER A 54 -5.22 5.30 -4.10
N LYS A 55 -5.65 6.47 -3.62
CA LYS A 55 -4.72 7.36 -2.93
C LYS A 55 -4.30 6.80 -1.58
N LEU A 56 -5.14 5.96 -0.99
CA LEU A 56 -4.82 5.37 0.30
C LEU A 56 -3.83 4.21 0.22
N PHE A 57 -4.12 3.24 -0.65
CA PHE A 57 -3.30 2.04 -0.77
C PHE A 57 -2.67 1.78 -2.14
N GLY A 58 -2.98 2.60 -3.12
CA GLY A 58 -2.45 2.37 -4.45
C GLY A 58 -3.52 1.78 -5.34
N GLU A 59 -3.27 1.75 -6.65
CA GLU A 59 -4.26 1.25 -7.60
C GLU A 59 -4.48 -0.27 -7.57
N TYR A 60 -3.45 -1.02 -7.25
CA TYR A 60 -3.58 -2.48 -7.18
C TYR A 60 -4.56 -2.84 -6.07
N SER A 61 -4.38 -2.23 -4.90
CA SER A 61 -5.26 -2.49 -3.78
C SER A 61 -6.67 -1.98 -4.06
N ALA A 62 -6.77 -0.82 -4.70
CA ALA A 62 -8.09 -0.25 -5.01
C ALA A 62 -8.84 -1.19 -5.96
N ARG A 63 -8.12 -1.74 -6.93
CA ARG A 63 -8.73 -2.66 -7.88
C ARG A 63 -9.25 -3.90 -7.17
N LEU A 64 -8.44 -4.44 -6.25
CA LEU A 64 -8.83 -5.63 -5.49
C LEU A 64 -10.11 -5.36 -4.71
N LEU A 65 -10.19 -4.19 -4.07
CA LEU A 65 -11.40 -3.84 -3.31
C LEU A 65 -12.59 -3.74 -4.26
N GLU A 66 -12.37 -3.14 -5.42
CA GLU A 66 -13.44 -3.00 -6.41
C GLU A 66 -13.97 -4.38 -6.79
N MET A 67 -13.06 -5.30 -7.09
CA MET A 67 -13.45 -6.65 -7.46
C MET A 67 -14.25 -7.33 -6.34
N VAL A 68 -13.79 -7.15 -5.11
CA VAL A 68 -14.47 -7.74 -3.97
C VAL A 68 -15.87 -7.13 -3.79
N ILE A 69 -15.99 -5.81 -3.95
CA ILE A 69 -17.29 -5.16 -3.79
C ILE A 69 -18.28 -5.67 -4.84
N ILE A 70 -17.83 -5.76 -6.09
CA ILE A 70 -18.71 -6.22 -7.16
C ILE A 70 -19.18 -7.64 -6.90
N SER A 71 -18.26 -8.49 -6.48
CA SER A 71 -18.58 -9.89 -6.18
C SER A 71 -19.60 -10.01 -5.05
N LYS A 72 -19.42 -9.21 -4.01
CA LYS A 72 -20.34 -9.24 -2.87
C LYS A 72 -21.72 -8.71 -3.22
N LEU A 73 -21.78 -7.70 -4.07
CA LEU A 73 -23.07 -7.14 -4.44
C LEU A 73 -23.86 -8.12 -5.32
N LYS A 74 -23.11 -8.84 -6.16
CA LYS A 74 -23.76 -9.86 -6.98
C LYS A 74 -24.37 -10.96 -6.12
N GLY A 75 -23.66 -11.31 -5.03
CA GLY A 75 -24.18 -12.29 -4.10
C GLY A 75 -25.36 -11.73 -3.31
N ARG A 76 -25.42 -10.42 -3.19
CA ARG A 76 -26.50 -9.76 -2.47
C ARG A 76 -27.78 -9.58 -3.33
N LEU A 77 -27.55 -9.25 -4.63
CA LEU A 77 -28.66 -8.84 -5.49
C LEU A 77 -29.00 -9.91 -6.53
N GLY A 78 -28.06 -10.06 -7.45
CA GLY A 78 -28.17 -11.06 -8.49
C GLY A 78 -26.79 -11.60 -8.84
N GLU A 79 -26.71 -12.94 -8.85
CA GLU A 79 -25.40 -13.57 -9.00
C GLU A 79 -24.63 -12.97 -10.17
N ASP A 80 -25.39 -12.42 -11.12
CA ASP A 80 -24.66 -11.90 -12.26
C ASP A 80 -25.23 -10.58 -12.75
N ILE A 81 -25.11 -9.54 -11.91
CA ILE A 81 -25.01 -8.23 -12.52
C ILE A 81 -23.78 -8.25 -13.41
N GLU A 82 -23.74 -7.39 -14.43
CA GLU A 82 -22.62 -7.62 -15.34
C GLU A 82 -21.47 -6.62 -15.11
N ALA A 83 -21.73 -5.65 -14.21
CA ALA A 83 -20.74 -4.60 -13.95
C ALA A 83 -19.33 -5.16 -13.75
N ASN A 84 -18.37 -4.50 -14.43
CA ASN A 84 -16.95 -4.83 -14.27
C ASN A 84 -16.21 -3.68 -13.56
N SER A 85 -16.95 -2.63 -13.21
CA SER A 85 -16.37 -1.48 -12.51
C SER A 85 -17.41 -0.95 -11.53
N LEU A 86 -16.96 -0.22 -10.52
CA LEU A 86 -17.87 0.32 -9.53
C LEU A 86 -18.87 1.29 -10.19
N GLU A 87 -18.41 2.04 -11.19
CA GLU A 87 -19.29 2.99 -11.89
C GLU A 87 -20.42 2.25 -12.58
N GLU A 88 -20.09 1.15 -13.25
CA GLU A 88 -21.10 0.35 -13.92
C GLU A 88 -22.01 -0.30 -12.89
N LEU A 89 -21.45 -0.66 -11.74
CA LEU A 89 -22.23 -1.29 -10.67
C LEU A 89 -23.30 -0.34 -10.13
N VAL A 90 -22.91 0.91 -9.93
CA VAL A 90 -23.86 1.91 -9.42
C VAL A 90 -24.92 2.17 -10.48
N SER A 91 -24.49 2.22 -11.74
CA SER A 91 -25.43 2.46 -12.84
C SER A 91 -26.45 1.34 -12.90
N GLU A 92 -25.98 0.10 -12.75
CA GLU A 92 -26.87 -1.05 -12.79
C GLU A 92 -27.83 -1.06 -11.61
N ILE A 93 -27.32 -0.71 -10.42
CA ILE A 93 -28.18 -0.67 -9.24
C ILE A 93 -29.28 0.38 -9.41
N ARG A 94 -28.92 1.53 -9.97
CA ARG A 94 -29.89 2.59 -10.19
C ARG A 94 -30.95 2.13 -11.21
N LYS A 95 -30.54 1.31 -12.17
CA LYS A 95 -31.49 0.82 -13.17
C LYS A 95 -32.44 -0.20 -12.54
N ILE A 96 -31.90 -1.03 -11.65
CA ILE A 96 -32.70 -2.05 -10.99
C ILE A 96 -33.78 -1.44 -10.11
N TYR A 97 -33.44 -0.37 -9.38
CA TYR A 97 -34.39 0.28 -8.48
C TYR A 97 -35.07 1.51 -9.06
N GLY A 98 -34.73 1.85 -10.30
CA GLY A 98 -35.32 3.01 -10.93
C GLY A 98 -34.99 4.27 -10.17
N GLU A 99 -33.71 4.42 -9.81
CA GLU A 99 -33.26 5.59 -9.07
C GLU A 99 -32.44 6.52 -9.96
N LYS B 3 23.64 15.96 -17.66
CA LYS B 3 24.17 15.46 -16.39
C LYS B 3 23.12 15.54 -15.28
N GLY B 4 22.28 16.58 -15.36
CA GLY B 4 21.25 16.76 -14.34
C GLY B 4 20.27 15.59 -14.32
N ARG B 5 19.93 15.10 -15.52
CA ARG B 5 18.99 13.99 -15.60
C ARG B 5 19.63 12.67 -15.17
N ASP B 6 20.98 12.65 -15.25
CA ASP B 6 21.70 11.45 -14.82
C ASP B 6 21.88 11.41 -13.30
N ILE B 7 22.13 12.60 -12.73
CA ILE B 7 22.35 12.68 -11.28
C ILE B 7 21.08 12.37 -10.49
N LEU B 8 19.94 12.88 -10.95
CA LEU B 8 18.68 12.63 -10.26
C LEU B 8 18.33 11.14 -10.29
N THR B 9 18.52 10.53 -11.45
CA THR B 9 18.23 9.11 -11.63
C THR B 9 19.09 8.23 -10.73
N LYS B 10 20.40 8.47 -10.77
CA LYS B 10 21.34 7.69 -9.97
C LYS B 10 21.05 7.89 -8.48
N THR B 11 20.71 9.12 -8.10
CA THR B 11 20.41 9.44 -6.71
C THR B 11 19.14 8.73 -6.25
N ILE B 12 18.12 8.71 -7.11
CA ILE B 12 16.87 8.06 -6.77
C ILE B 12 17.12 6.57 -6.54
N ILE B 13 17.83 5.95 -7.47
CA ILE B 13 18.14 4.52 -7.37
C ILE B 13 18.85 4.19 -6.05
N LEU B 14 19.75 5.07 -5.63
CA LEU B 14 20.48 4.84 -4.39
C LEU B 14 19.53 4.90 -3.20
N ALA B 15 18.57 5.82 -3.27
CA ALA B 15 17.59 5.98 -2.20
C ALA B 15 16.71 4.74 -2.12
N LEU B 16 16.29 4.22 -3.27
CA LEU B 16 15.44 3.03 -3.30
C LEU B 16 16.17 1.85 -2.66
N ARG B 17 17.47 1.77 -2.91
CA ARG B 17 18.28 0.68 -2.34
C ARG B 17 18.41 0.80 -0.83
N GLU B 18 18.40 2.02 -0.32
CA GLU B 18 18.50 2.23 1.13
C GLU B 18 17.22 1.77 1.80
N VAL B 19 16.10 1.91 1.10
CA VAL B 19 14.82 1.49 1.65
C VAL B 19 14.80 0.00 1.85
N ALA B 20 14.94 -0.74 0.74
CA ALA B 20 14.94 -2.19 0.79
C ALA B 20 15.52 -2.76 -0.49
N PRO B 21 16.07 -3.98 -0.42
CA PRO B 21 16.69 -4.70 -1.55
C PRO B 21 15.87 -4.74 -2.85
N GLY B 22 14.60 -5.10 -2.72
CA GLY B 22 13.76 -5.21 -3.90
C GLY B 22 12.95 -4.01 -4.37
N LEU B 23 13.04 -2.88 -3.67
CA LEU B 23 12.27 -1.72 -4.09
C LEU B 23 12.57 -1.27 -5.51
N GLU B 24 13.85 -1.27 -5.89
CA GLU B 24 14.21 -0.85 -7.24
C GLU B 24 13.52 -1.75 -8.26
N ALA B 25 13.64 -3.07 -8.06
CA ALA B 25 13.02 -4.04 -8.94
C ALA B 25 11.50 -3.88 -8.96
N VAL B 26 10.92 -3.68 -7.79
CA VAL B 26 9.48 -3.51 -7.69
C VAL B 26 8.99 -2.25 -8.39
N LEU B 27 9.63 -1.11 -8.14
CA LEU B 27 9.19 0.13 -8.78
C LEU B 27 9.42 0.10 -10.30
N GLU B 28 10.53 -0.46 -10.73
CA GLU B 28 10.81 -0.52 -12.16
C GLU B 28 9.84 -1.42 -12.89
N ALA B 29 9.41 -2.50 -12.24
CA ALA B 29 8.46 -3.41 -12.84
C ALA B 29 7.15 -2.65 -13.06
N HIS B 30 6.78 -1.84 -12.06
CA HIS B 30 5.56 -1.04 -12.13
C HIS B 30 5.61 0.02 -13.22
N LEU B 31 6.72 0.76 -13.27
CA LEU B 31 6.88 1.83 -14.26
C LEU B 31 6.93 1.29 -15.69
N ARG B 32 7.53 0.12 -15.86
CA ARG B 32 7.56 -0.24 -17.27
C ARG B 32 6.31 -1.00 -17.69
N ALA B 33 5.56 -1.67 -16.82
CA ALA B 33 4.26 -2.22 -17.20
C ALA B 33 3.21 -1.15 -17.46
N THR B 34 3.24 -0.08 -16.65
CA THR B 34 2.26 0.98 -16.77
C THR B 34 2.61 2.15 -17.69
N LEU B 35 3.89 2.46 -17.81
CA LEU B 35 4.30 3.58 -18.65
C LEU B 35 5.44 3.23 -19.60
N ASN B 36 5.85 1.97 -19.61
CA ASN B 36 6.95 1.53 -20.46
C ASN B 36 8.12 2.50 -20.26
N SER B 37 8.20 3.05 -19.05
CA SER B 37 9.25 3.99 -18.70
C SER B 37 10.11 3.47 -17.56
N GLY B 38 11.15 4.24 -17.25
CA GLY B 38 12.04 3.87 -16.17
C GLY B 38 12.06 4.98 -15.15
N ILE B 39 13.04 4.93 -14.25
CA ILE B 39 13.18 5.93 -13.20
C ILE B 39 13.49 7.34 -13.70
N GLU B 40 13.99 7.43 -14.93
CA GLU B 40 14.33 8.74 -15.49
C GLU B 40 13.08 9.59 -15.72
N LEU B 41 11.91 8.98 -15.58
CA LEU B 41 10.65 9.70 -15.74
C LEU B 41 10.55 10.79 -14.68
N ALA B 42 11.28 10.59 -13.59
CA ALA B 42 11.29 11.55 -12.49
C ALA B 42 11.82 12.90 -12.96
N TYR B 43 12.74 12.85 -13.92
CA TYR B 43 13.34 14.05 -14.46
C TYR B 43 12.58 14.55 -15.68
N ASP B 44 12.22 13.62 -16.57
CA ASP B 44 11.49 13.97 -17.77
C ASP B 44 10.09 14.52 -17.48
N ASP B 45 9.42 13.94 -16.49
CA ASP B 45 8.08 14.37 -16.12
C ASP B 45 7.84 14.03 -14.65
N PRO B 46 8.38 14.85 -13.73
CA PRO B 46 8.21 14.61 -12.29
C PRO B 46 6.77 14.48 -11.83
N GLN B 47 5.87 15.24 -12.45
CA GLN B 47 4.46 15.16 -12.07
C GLN B 47 3.95 13.75 -12.34
N LYS B 48 4.21 13.25 -13.55
CA LYS B 48 3.76 11.91 -13.93
C LYS B 48 4.40 10.84 -13.05
N PHE B 49 5.69 10.99 -12.77
CA PHE B 49 6.42 10.03 -11.94
C PHE B 49 5.76 9.90 -10.56
N LYS B 50 5.47 11.03 -9.94
CA LYS B 50 4.83 11.03 -8.62
C LYS B 50 3.48 10.33 -8.72
N GLU B 51 2.75 10.59 -9.80
CA GLU B 51 1.44 9.99 -10.01
C GLU B 51 1.59 8.48 -10.13
N ALA B 52 2.64 8.04 -10.82
CA ALA B 52 2.90 6.62 -11.01
C ALA B 52 3.21 5.93 -9.69
N VAL B 53 4.04 6.56 -8.86
CA VAL B 53 4.38 5.99 -7.58
C VAL B 53 3.15 5.94 -6.69
N SER B 54 2.30 6.95 -6.81
CA SER B 54 1.08 6.98 -6.01
C SER B 54 0.21 5.78 -6.37
N LYS B 55 0.22 5.39 -7.64
CA LYS B 55 -0.57 4.24 -8.09
C LYS B 55 -0.05 2.90 -7.59
N LEU B 56 1.21 2.86 -7.18
CA LEU B 56 1.79 1.61 -6.68
C LEU B 56 1.50 1.34 -5.21
N PHE B 57 1.79 2.33 -4.35
CA PHE B 57 1.59 2.17 -2.91
C PHE B 57 0.61 3.15 -2.27
N GLY B 58 0.15 4.14 -3.02
CA GLY B 58 -0.76 5.13 -2.48
C GLY B 58 -0.06 6.48 -2.33
N GLU B 59 -0.84 7.53 -2.11
CA GLU B 59 -0.34 8.90 -1.98
C GLU B 59 0.56 9.11 -0.76
N TYR B 60 0.21 8.45 0.35
CA TYR B 60 0.99 8.60 1.56
C TYR B 60 2.40 8.08 1.36
N SER B 61 2.50 6.89 0.78
CA SER B 61 3.80 6.27 0.51
C SER B 61 4.58 7.06 -0.55
N ALA B 62 3.89 7.53 -1.58
CA ALA B 62 4.54 8.29 -2.64
C ALA B 62 5.10 9.59 -2.08
N ARG B 63 4.36 10.23 -1.18
CA ARG B 63 4.82 11.47 -0.56
C ARG B 63 6.06 11.21 0.28
N LEU B 64 6.06 10.09 1.01
CA LEU B 64 7.21 9.73 1.83
C LEU B 64 8.45 9.50 0.95
N LEU B 65 8.24 8.90 -0.21
CA LEU B 65 9.35 8.66 -1.12
C LEU B 65 9.88 9.98 -1.67
N GLU B 66 8.96 10.90 -1.96
CA GLU B 66 9.33 12.21 -2.47
C GLU B 66 10.20 12.94 -1.45
N MET B 67 9.77 12.88 -0.19
CA MET B 67 10.51 13.53 0.88
C MET B 67 11.90 12.95 1.04
N VAL B 68 12.01 11.64 0.92
CA VAL B 68 13.30 10.97 1.03
C VAL B 68 14.18 11.28 -0.17
N ILE B 69 13.59 11.38 -1.36
CA ILE B 69 14.36 11.69 -2.56
C ILE B 69 14.91 13.11 -2.46
N ILE B 70 14.06 14.05 -2.08
CA ILE B 70 14.48 15.44 -1.94
C ILE B 70 15.61 15.55 -0.92
N SER B 71 15.50 14.79 0.16
CA SER B 71 16.52 14.80 1.21
C SER B 71 17.85 14.28 0.69
N LYS B 72 17.80 13.16 -0.02
CA LYS B 72 19.02 12.55 -0.56
C LYS B 72 19.70 13.42 -1.60
N LEU B 73 18.94 13.91 -2.57
CA LEU B 73 19.51 14.75 -3.61
C LEU B 73 20.15 15.98 -2.99
N LYS B 74 19.53 16.51 -1.96
CA LYS B 74 20.07 17.69 -1.28
C LYS B 74 21.39 17.31 -0.61
N GLY B 75 21.45 16.08 -0.11
CA GLY B 75 22.65 15.61 0.56
C GLY B 75 23.87 15.47 -0.34
N ARG B 76 23.67 15.07 -1.59
CA ARG B 76 24.80 14.90 -2.50
C ARG B 76 24.94 16.04 -3.51
N LEU B 77 24.09 17.06 -3.37
CA LEU B 77 24.15 18.20 -4.28
C LEU B 77 24.44 19.48 -3.50
N GLY B 78 24.11 19.47 -2.21
CA GLY B 78 24.34 20.64 -1.38
C GLY B 78 24.21 20.32 0.10
N ILE B 81 19.36 23.86 -3.64
CA ILE B 81 19.24 23.60 -2.21
C ILE B 81 17.79 23.83 -1.77
N GLU B 82 17.09 24.71 -2.48
CA GLU B 82 15.70 25.02 -2.16
C GLU B 82 14.75 24.17 -2.99
N ALA B 83 14.05 23.25 -2.34
CA ALA B 83 13.11 22.38 -3.02
C ALA B 83 12.31 21.56 -2.02
N ASN B 84 10.99 21.61 -2.13
CA ASN B 84 10.10 20.87 -1.25
C ASN B 84 9.17 19.98 -2.06
N SER B 85 9.46 19.84 -3.35
CA SER B 85 8.68 19.01 -4.25
C SER B 85 9.61 18.46 -5.32
N LEU B 86 9.18 17.41 -6.00
CA LEU B 86 9.99 16.81 -7.05
C LEU B 86 10.06 17.74 -8.27
N GLU B 87 8.99 18.50 -8.51
CA GLU B 87 8.95 19.42 -9.64
C GLU B 87 9.99 20.52 -9.46
N GLU B 88 10.09 21.02 -8.23
CA GLU B 88 11.05 22.08 -7.91
C GLU B 88 12.46 21.53 -7.91
N LEU B 89 12.60 20.30 -7.43
CA LEU B 89 13.90 19.65 -7.37
C LEU B 89 14.50 19.54 -8.77
N VAL B 90 13.68 19.12 -9.73
CA VAL B 90 14.12 18.97 -11.10
C VAL B 90 14.38 20.33 -11.72
N SER B 91 13.59 21.32 -11.31
CA SER B 91 13.73 22.67 -11.82
C SER B 91 15.05 23.29 -11.34
N GLU B 92 15.50 22.87 -10.16
CA GLU B 92 16.73 23.37 -9.58
C GLU B 92 17.95 22.70 -10.22
N ILE B 93 17.83 21.41 -10.49
CA ILE B 93 18.94 20.69 -11.12
C ILE B 93 19.24 21.27 -12.50
N ARG B 94 18.15 21.65 -13.19
CA ARG B 94 18.29 22.24 -14.52
C ARG B 94 19.12 23.53 -14.47
N LYS B 95 18.87 24.32 -13.43
CA LYS B 95 19.56 25.61 -13.30
C LYS B 95 21.05 25.44 -13.02
N ILE B 96 21.40 24.34 -12.35
CA ILE B 96 22.78 24.07 -11.99
C ILE B 96 23.60 23.60 -13.19
N TYR B 97 22.97 22.87 -14.10
CA TYR B 97 23.67 22.36 -15.27
C TYR B 97 23.10 22.90 -16.58
N GLY B 98 22.42 24.04 -16.49
CA GLY B 98 21.83 24.66 -17.68
C GLY B 98 21.08 23.69 -18.56
N GLU B 99 19.93 23.22 -18.07
CA GLU B 99 19.10 22.29 -18.83
C GLU B 99 17.65 22.74 -18.85
N SER C 2 7.88 11.28 29.34
CA SER C 2 9.26 11.81 29.53
C SER C 2 9.60 12.77 28.42
N LYS C 3 10.71 13.49 28.57
CA LYS C 3 11.18 14.43 27.56
C LYS C 3 11.44 13.71 26.24
N GLY C 4 12.06 12.54 26.32
CA GLY C 4 12.36 11.78 25.12
C GLY C 4 11.11 11.29 24.41
N ARG C 5 10.15 10.82 25.19
CA ARG C 5 8.89 10.33 24.63
C ARG C 5 8.17 11.48 23.94
N ASP C 6 8.20 12.64 24.59
CA ASP C 6 7.57 13.85 24.06
C ASP C 6 8.22 14.28 22.75
N ILE C 7 9.55 14.37 22.73
CA ILE C 7 10.24 14.80 21.52
C ILE C 7 10.02 13.84 20.35
N LEU C 8 10.07 12.54 20.61
CA LEU C 8 9.87 11.58 19.51
C LEU C 8 8.44 11.63 18.99
N THR C 9 7.48 11.64 19.91
CA THR C 9 6.07 11.69 19.50
C THR C 9 5.79 12.96 18.69
N LYS C 10 6.25 14.10 19.18
CA LYS C 10 6.04 15.36 18.47
C LYS C 10 6.66 15.29 17.07
N THR C 11 7.89 14.78 16.98
CA THR C 11 8.57 14.68 15.69
C THR C 11 7.78 13.83 14.70
N ILE C 12 7.23 12.72 15.17
CA ILE C 12 6.46 11.84 14.30
C ILE C 12 5.18 12.53 13.86
N ILE C 13 4.47 13.14 14.81
CA ILE C 13 3.23 13.82 14.49
C ILE C 13 3.44 14.89 13.41
N LEU C 14 4.49 15.69 13.55
CA LEU C 14 4.73 16.75 12.57
C LEU C 14 5.13 16.17 11.22
N ALA C 15 5.85 15.06 11.24
CA ALA C 15 6.26 14.41 10.00
C ALA C 15 5.01 13.91 9.28
N LEU C 16 4.07 13.36 10.03
CA LEU C 16 2.83 12.85 9.44
C LEU C 16 2.06 13.98 8.78
N ARG C 17 2.01 15.13 9.45
CA ARG C 17 1.27 16.26 8.93
C ARG C 17 1.99 16.84 7.70
N GLU C 18 3.32 16.65 7.65
CA GLU C 18 4.08 17.14 6.50
C GLU C 18 3.77 16.28 5.26
N VAL C 19 3.56 15.00 5.48
CA VAL C 19 3.27 14.08 4.38
C VAL C 19 1.96 14.43 3.68
N ALA C 20 0.87 14.46 4.46
CA ALA C 20 -0.44 14.75 3.92
C ALA C 20 -1.41 15.01 5.06
N PRO C 21 -2.45 15.82 4.83
CA PRO C 21 -3.44 16.15 5.86
C PRO C 21 -4.09 14.97 6.58
N GLY C 22 -4.38 13.90 5.86
CA GLY C 22 -5.04 12.76 6.50
C GLY C 22 -4.18 11.66 7.11
N LEU C 23 -2.88 11.69 6.91
CA LEU C 23 -2.04 10.60 7.45
C LEU C 23 -2.11 10.43 8.96
N GLU C 24 -2.12 11.51 9.72
CA GLU C 24 -2.19 11.36 11.17
C GLU C 24 -3.46 10.58 11.54
N ALA C 25 -4.60 10.97 10.97
CA ALA C 25 -5.86 10.32 11.26
C ALA C 25 -5.90 8.87 10.80
N VAL C 26 -5.32 8.61 9.63
CA VAL C 26 -5.31 7.26 9.06
C VAL C 26 -4.46 6.32 9.91
N LEU C 27 -3.23 6.73 10.22
CA LEU C 27 -2.36 5.88 11.03
C LEU C 27 -2.93 5.70 12.43
N GLU C 28 -3.51 6.76 12.98
CA GLU C 28 -4.08 6.63 14.32
C GLU C 28 -5.31 5.72 14.34
N ALA C 29 -6.09 5.74 13.27
CA ALA C 29 -7.26 4.86 13.21
C ALA C 29 -6.74 3.41 13.20
N HIS C 30 -5.69 3.16 12.43
CA HIS C 30 -5.11 1.83 12.35
C HIS C 30 -4.55 1.36 13.69
N LEU C 31 -3.78 2.22 14.36
CA LEU C 31 -3.20 1.85 15.65
C LEU C 31 -4.27 1.63 16.72
N ARG C 32 -5.32 2.44 16.70
CA ARG C 32 -6.39 2.32 17.67
C ARG C 32 -7.15 1.01 17.49
N ALA C 33 -7.53 0.73 16.24
CA ALA C 33 -8.29 -0.47 15.94
C ALA C 33 -7.54 -1.79 16.13
N THR C 34 -6.24 -1.81 15.82
CA THR C 34 -5.47 -3.03 15.92
C THR C 34 -4.67 -3.25 17.21
N LEU C 35 -4.32 -2.16 17.89
CA LEU C 35 -3.53 -2.27 19.11
C LEU C 35 -4.02 -1.41 20.27
N ASN C 36 -5.13 -0.71 20.09
CA ASN C 36 -5.67 0.17 21.11
C ASN C 36 -4.53 1.05 21.63
N SER C 37 -3.76 1.58 20.68
CA SER C 37 -2.62 2.42 21.02
C SER C 37 -2.58 3.68 20.16
N GLY C 38 -1.74 4.63 20.56
CA GLY C 38 -1.57 5.87 19.83
C GLY C 38 -0.15 5.94 19.28
N ILE C 39 0.19 7.10 18.71
CA ILE C 39 1.52 7.30 18.13
C ILE C 39 2.63 7.16 19.15
N GLU C 40 2.30 7.31 20.43
CA GLU C 40 3.29 7.19 21.48
C GLU C 40 3.90 5.78 21.51
N LEU C 41 3.23 4.84 20.86
CA LEU C 41 3.72 3.46 20.79
C LEU C 41 5.10 3.42 20.14
N ALA C 42 5.42 4.40 19.30
CA ALA C 42 6.73 4.42 18.64
C ALA C 42 7.84 4.46 19.68
N TYR C 43 7.58 5.18 20.78
CA TYR C 43 8.57 5.27 21.86
C TYR C 43 8.44 4.08 22.82
N ASP C 44 7.22 3.76 23.21
CA ASP C 44 6.97 2.68 24.16
C ASP C 44 7.38 1.29 23.65
N ASP C 45 7.16 1.03 22.37
CA ASP C 45 7.52 -0.26 21.78
C ASP C 45 7.75 -0.06 20.29
N PRO C 46 8.92 0.50 19.92
CA PRO C 46 9.24 0.75 18.52
C PRO C 46 9.11 -0.43 17.56
N GLN C 47 9.44 -1.62 18.04
CA GLN C 47 9.34 -2.81 17.19
C GLN C 47 7.88 -3.03 16.81
N LYS C 48 6.99 -2.95 17.78
CA LYS C 48 5.57 -3.14 17.55
C LYS C 48 5.01 -2.02 16.66
N PHE C 49 5.50 -0.80 16.86
CA PHE C 49 5.05 0.33 16.06
C PHE C 49 5.41 0.09 14.59
N LYS C 50 6.66 -0.30 14.35
CA LYS C 50 7.11 -0.56 12.99
C LYS C 50 6.30 -1.68 12.35
N GLU C 51 6.02 -2.74 13.11
CA GLU C 51 5.25 -3.86 12.61
C GLU C 51 3.84 -3.39 12.23
N ALA C 52 3.28 -2.52 13.06
CA ALA C 52 1.94 -2.00 12.80
C ALA C 52 1.88 -1.17 11.54
N VAL C 53 2.87 -0.30 11.33
CA VAL C 53 2.87 0.53 10.13
C VAL C 53 3.05 -0.37 8.91
N SER C 54 3.88 -1.39 9.05
CA SER C 54 4.10 -2.33 7.95
C SER C 54 2.79 -3.03 7.60
N LYS C 55 1.97 -3.31 8.60
CA LYS C 55 0.69 -3.97 8.34
C LYS C 55 -0.29 -3.04 7.63
N LEU C 56 -0.12 -1.74 7.83
CA LEU C 56 -1.01 -0.76 7.20
C LEU C 56 -0.70 -0.52 5.72
N PHE C 57 0.56 -0.23 5.40
CA PHE C 57 0.98 0.09 4.04
C PHE C 57 2.03 -0.81 3.41
N GLY C 58 2.54 -1.77 4.17
CA GLY C 58 3.58 -2.63 3.63
C GLY C 58 4.92 -2.21 4.17
N GLU C 59 5.91 -3.09 4.05
CA GLU C 59 7.26 -2.84 4.57
C GLU C 59 8.03 -1.73 3.87
N TYR C 60 7.84 -1.58 2.56
CA TYR C 60 8.56 -0.52 1.84
C TYR C 60 8.12 0.84 2.37
N SER C 61 6.82 1.01 2.55
CA SER C 61 6.29 2.27 3.06
C SER C 61 6.69 2.49 4.52
N ALA C 62 6.67 1.43 5.31
CA ALA C 62 7.05 1.52 6.72
C ALA C 62 8.52 1.97 6.84
N ARG C 63 9.35 1.43 5.94
CA ARG C 63 10.76 1.79 5.93
C ARG C 63 10.95 3.27 5.58
N LEU C 64 10.18 3.75 4.61
CA LEU C 64 10.27 5.16 4.22
C LEU C 64 9.90 6.05 5.41
N LEU C 65 8.87 5.66 6.16
CA LEU C 65 8.46 6.48 7.31
C LEU C 65 9.57 6.47 8.36
N GLU C 66 10.13 5.28 8.60
CA GLU C 66 11.20 5.12 9.58
C GLU C 66 12.39 6.01 9.20
N MET C 67 12.76 5.97 7.92
CA MET C 67 13.86 6.79 7.43
C MET C 67 13.59 8.27 7.65
N VAL C 68 12.35 8.68 7.43
CA VAL C 68 11.98 10.08 7.62
C VAL C 68 12.03 10.47 9.09
N ILE C 69 11.51 9.61 9.96
CA ILE C 69 11.52 9.89 11.39
C ILE C 69 12.96 10.02 11.87
N ILE C 70 13.82 9.10 11.47
CA ILE C 70 15.21 9.16 11.90
C ILE C 70 15.88 10.44 11.39
N SER C 71 15.62 10.79 10.14
CA SER C 71 16.20 12.01 9.57
C SER C 71 15.74 13.26 10.32
N LYS C 72 14.47 13.29 10.70
CA LYS C 72 13.91 14.43 11.42
C LYS C 72 14.45 14.56 12.83
N LEU C 73 14.57 13.43 13.54
CA LEU C 73 15.10 13.52 14.89
C LEU C 73 16.58 13.91 14.88
N LYS C 74 17.28 13.41 13.85
CA LYS C 74 18.68 13.78 13.69
C LYS C 74 18.86 15.30 13.65
N GLY C 75 18.12 15.94 12.74
CA GLY C 75 18.22 17.38 12.59
C GLY C 75 17.48 18.12 13.71
N ARG C 76 17.21 17.44 14.82
CA ARG C 76 16.53 18.04 15.97
C ARG C 76 17.39 17.92 17.23
N LEU C 77 17.89 16.70 17.45
CA LEU C 77 18.71 16.43 18.63
C LEU C 77 20.19 16.49 18.30
N GLY C 78 20.69 15.44 17.66
CA GLY C 78 22.09 15.41 17.29
C GLY C 78 22.30 14.99 15.85
N GLU C 79 22.97 15.84 15.08
CA GLU C 79 23.26 15.56 13.68
C GLU C 79 24.43 14.57 13.67
N ASP C 80 24.54 13.78 14.73
CA ASP C 80 25.63 12.81 14.84
C ASP C 80 25.17 11.42 15.28
N ILE C 81 23.91 11.28 15.68
CA ILE C 81 23.42 9.97 16.11
C ILE C 81 23.57 8.98 14.95
N GLU C 82 23.67 7.69 15.29
CA GLU C 82 23.88 6.64 14.29
C GLU C 82 22.70 5.74 13.94
N ALA C 83 21.62 5.83 14.72
CA ALA C 83 20.45 4.99 14.50
C ALA C 83 20.13 4.66 13.04
N ASN C 84 19.84 3.39 12.78
CA ASN C 84 19.49 2.92 11.45
C ASN C 84 18.08 2.33 11.47
N SER C 85 17.52 2.22 12.66
CA SER C 85 16.18 1.69 12.86
C SER C 85 15.49 2.50 13.96
N LEU C 86 14.19 2.35 14.09
CA LEU C 86 13.45 3.06 15.12
C LEU C 86 13.88 2.55 16.50
N GLU C 87 14.06 1.24 16.63
CA GLU C 87 14.48 0.68 17.91
C GLU C 87 15.82 1.30 18.34
N GLU C 88 16.71 1.48 17.38
CA GLU C 88 18.02 2.07 17.69
C GLU C 88 17.85 3.55 18.02
N LEU C 89 16.91 4.20 17.35
CA LEU C 89 16.66 5.63 17.60
C LEU C 89 16.16 5.86 19.02
N VAL C 90 15.22 5.03 19.46
CA VAL C 90 14.67 5.17 20.81
C VAL C 90 15.76 4.90 21.84
N SER C 91 16.59 3.90 21.57
CA SER C 91 17.68 3.56 22.49
C SER C 91 18.63 4.74 22.64
N GLU C 92 18.88 5.45 21.54
CA GLU C 92 19.77 6.60 21.58
C GLU C 92 19.13 7.77 22.31
N ILE C 93 17.83 7.97 22.08
CA ILE C 93 17.12 9.06 22.75
C ILE C 93 17.16 8.84 24.26
N ARG C 94 16.92 7.60 24.67
CA ARG C 94 16.90 7.27 26.09
C ARG C 94 18.26 7.53 26.73
N LYS C 95 19.34 7.21 26.02
CA LYS C 95 20.68 7.45 26.55
C LYS C 95 20.96 8.94 26.61
N ILE C 96 20.57 9.66 25.56
CA ILE C 96 20.78 11.11 25.50
C ILE C 96 20.07 11.83 26.63
N TYR C 97 18.86 11.39 26.95
CA TYR C 97 18.07 12.01 28.01
C TYR C 97 18.22 11.29 29.34
N GLY C 98 18.93 10.16 29.33
CA GLY C 98 19.11 9.39 30.54
C GLY C 98 17.78 8.93 31.11
N GLU C 99 17.00 8.23 30.30
CA GLU C 99 15.69 7.75 30.72
C GLU C 99 15.66 6.23 30.81
N SER D 2 3.04 -30.61 -9.81
CA SER D 2 1.84 -31.44 -9.71
C SER D 2 0.67 -30.67 -10.31
N LYS D 3 -0.40 -31.39 -10.67
CA LYS D 3 -1.56 -30.75 -11.28
C LYS D 3 -2.18 -29.66 -10.41
N GLY D 4 -2.44 -29.98 -9.14
CA GLY D 4 -3.03 -29.00 -8.24
C GLY D 4 -2.18 -27.76 -8.10
N ARG D 5 -0.87 -27.97 -8.03
CA ARG D 5 0.09 -26.88 -7.90
C ARG D 5 0.03 -25.98 -9.12
N ASP D 6 -0.05 -26.59 -10.30
CA ASP D 6 -0.10 -25.83 -11.54
C ASP D 6 -1.40 -25.05 -11.69
N ILE D 7 -2.52 -25.65 -11.32
CA ILE D 7 -3.79 -24.96 -11.44
C ILE D 7 -3.88 -23.78 -10.49
N LEU D 8 -3.37 -23.95 -9.27
CA LEU D 8 -3.41 -22.84 -8.32
C LEU D 8 -2.53 -21.71 -8.80
N THR D 9 -1.29 -22.03 -9.17
CA THR D 9 -0.36 -21.03 -9.65
C THR D 9 -0.89 -20.26 -10.85
N LYS D 10 -1.33 -21.00 -11.87
CA LYS D 10 -1.86 -20.36 -13.08
C LYS D 10 -3.11 -19.54 -12.82
N THR D 11 -3.99 -20.04 -11.96
CA THR D 11 -5.22 -19.32 -11.65
C THR D 11 -4.92 -18.04 -10.87
N ILE D 12 -3.90 -18.07 -10.02
CA ILE D 12 -3.53 -16.88 -9.26
C ILE D 12 -2.97 -15.86 -10.23
N ILE D 13 -2.12 -16.31 -11.15
CA ILE D 13 -1.53 -15.41 -12.14
C ILE D 13 -2.62 -14.74 -12.97
N LEU D 14 -3.65 -15.49 -13.34
CA LEU D 14 -4.74 -14.91 -14.11
C LEU D 14 -5.46 -13.86 -13.29
N ALA D 15 -5.60 -14.11 -12.00
CA ALA D 15 -6.27 -13.16 -11.10
C ALA D 15 -5.45 -11.87 -11.01
N LEU D 16 -4.14 -12.00 -10.94
CA LEU D 16 -3.26 -10.84 -10.86
C LEU D 16 -3.40 -10.00 -12.12
N ARG D 17 -3.45 -10.69 -13.26
CA ARG D 17 -3.58 -10.02 -14.55
C ARG D 17 -4.93 -9.31 -14.64
N GLU D 18 -5.95 -9.88 -14.01
CA GLU D 18 -7.28 -9.27 -14.03
C GLU D 18 -7.27 -7.98 -13.23
N VAL D 19 -6.51 -7.97 -12.14
CA VAL D 19 -6.39 -6.78 -11.30
C VAL D 19 -5.79 -5.65 -12.13
N ALA D 20 -4.60 -5.89 -12.67
CA ALA D 20 -3.92 -4.91 -13.49
C ALA D 20 -2.80 -5.60 -14.22
N PRO D 21 -2.49 -5.14 -15.44
CA PRO D 21 -1.43 -5.72 -16.27
C PRO D 21 -0.10 -6.00 -15.57
N GLY D 22 0.36 -5.02 -14.80
CA GLY D 22 1.64 -5.16 -14.12
C GLY D 22 1.72 -5.80 -12.74
N LEU D 23 0.59 -6.23 -12.18
CA LEU D 23 0.65 -6.84 -10.85
C LEU D 23 1.49 -8.11 -10.81
N GLU D 24 1.44 -8.92 -11.87
CA GLU D 24 2.23 -10.13 -11.90
C GLU D 24 3.72 -9.78 -11.78
N ALA D 25 4.15 -8.82 -12.60
CA ALA D 25 5.55 -8.39 -12.61
C ALA D 25 5.95 -7.77 -11.28
N VAL D 26 5.09 -6.95 -10.71
CA VAL D 26 5.36 -6.32 -9.43
C VAL D 26 5.49 -7.35 -8.31
N LEU D 27 4.52 -8.25 -8.19
CA LEU D 27 4.58 -9.25 -7.14
C LEU D 27 5.75 -10.22 -7.35
N GLU D 28 6.03 -10.57 -8.60
CA GLU D 28 7.12 -11.49 -8.85
C GLU D 28 8.47 -10.85 -8.52
N ALA D 29 8.59 -9.55 -8.79
CA ALA D 29 9.82 -8.83 -8.49
C ALA D 29 10.03 -8.87 -6.97
N HIS D 30 8.94 -8.66 -6.24
CA HIS D 30 8.98 -8.68 -4.78
C HIS D 30 9.33 -10.07 -4.25
N LEU D 31 8.66 -11.09 -4.77
CA LEU D 31 8.91 -12.46 -4.31
C LEU D 31 10.32 -12.96 -4.62
N ARG D 32 10.86 -12.57 -5.77
CA ARG D 32 12.19 -13.01 -6.15
C ARG D 32 13.26 -12.33 -5.30
N ALA D 33 13.10 -11.03 -5.09
CA ALA D 33 14.07 -10.25 -4.31
C ALA D 33 14.09 -10.55 -2.81
N THR D 34 12.95 -10.92 -2.24
CA THR D 34 12.90 -11.19 -0.80
C THR D 34 12.94 -12.66 -0.40
N LEU D 35 12.43 -13.54 -1.26
CA LEU D 35 12.40 -14.96 -0.93
C LEU D 35 12.96 -15.87 -2.03
N ASN D 36 13.41 -15.26 -3.12
CA ASN D 36 13.93 -16.02 -4.26
C ASN D 36 12.90 -17.08 -4.65
N SER D 37 11.64 -16.67 -4.64
CA SER D 37 10.54 -17.56 -4.98
C SER D 37 9.64 -16.95 -6.04
N GLY D 38 8.71 -17.74 -6.55
CA GLY D 38 7.76 -17.28 -7.54
C GLY D 38 6.37 -17.48 -6.99
N ILE D 39 5.35 -17.30 -7.83
CA ILE D 39 3.95 -17.46 -7.41
C ILE D 39 3.66 -18.87 -6.89
N GLU D 40 4.52 -19.83 -7.22
CA GLU D 40 4.32 -21.21 -6.76
C GLU D 40 4.33 -21.27 -5.25
N LEU D 41 4.90 -20.24 -4.62
CA LEU D 41 4.97 -20.20 -3.16
C LEU D 41 3.58 -20.28 -2.53
N ALA D 42 2.56 -19.83 -3.24
CA ALA D 42 1.20 -19.87 -2.71
C ALA D 42 0.79 -21.30 -2.38
N TYR D 43 1.20 -22.24 -3.24
CA TYR D 43 0.88 -23.64 -3.03
C TYR D 43 1.88 -24.31 -2.08
N ASP D 44 3.18 -24.06 -2.29
CA ASP D 44 4.22 -24.66 -1.46
C ASP D 44 4.21 -24.21 -0.01
N ASP D 45 3.91 -22.94 0.23
CA ASP D 45 3.89 -22.41 1.59
C ASP D 45 2.91 -21.24 1.61
N PRO D 46 1.60 -21.53 1.63
CA PRO D 46 0.58 -20.48 1.63
C PRO D 46 0.77 -19.41 2.72
N GLN D 47 1.20 -19.84 3.90
CA GLN D 47 1.41 -18.91 5.00
C GLN D 47 2.50 -17.90 4.64
N LYS D 48 3.61 -18.40 4.11
CA LYS D 48 4.72 -17.53 3.74
C LYS D 48 4.34 -16.60 2.60
N PHE D 49 3.57 -17.11 1.65
CA PHE D 49 3.12 -16.30 0.51
C PHE D 49 2.30 -15.12 1.03
N LYS D 50 1.37 -15.40 1.93
CA LYS D 50 0.53 -14.36 2.50
C LYS D 50 1.39 -13.32 3.22
N GLU D 51 2.35 -13.79 4.01
CA GLU D 51 3.23 -12.89 4.73
C GLU D 51 4.01 -11.99 3.76
N ALA D 52 4.44 -12.56 2.64
CA ALA D 52 5.19 -11.81 1.64
C ALA D 52 4.31 -10.74 1.00
N VAL D 53 3.07 -11.10 0.67
CA VAL D 53 2.19 -10.13 0.07
C VAL D 53 1.90 -8.99 1.05
N SER D 54 1.77 -9.34 2.33
CA SER D 54 1.52 -8.32 3.36
C SER D 54 2.69 -7.34 3.44
N LYS D 55 3.90 -7.84 3.24
CA LYS D 55 5.08 -6.98 3.29
C LYS D 55 5.16 -6.03 2.10
N LEU D 56 4.49 -6.40 1.01
CA LEU D 56 4.51 -5.56 -0.18
C LEU D 56 3.50 -4.42 -0.14
N PHE D 57 2.23 -4.75 0.17
CA PHE D 57 1.17 -3.74 0.18
C PHE D 57 0.46 -3.54 1.51
N GLY D 58 0.80 -4.34 2.51
CA GLY D 58 0.13 -4.22 3.79
C GLY D 58 -0.87 -5.35 3.96
N GLU D 59 -1.35 -5.53 5.19
CA GLU D 59 -2.29 -6.60 5.52
C GLU D 59 -3.68 -6.45 4.91
N TYR D 60 -4.16 -5.22 4.78
CA TYR D 60 -5.49 -5.01 4.21
C TYR D 60 -5.49 -5.45 2.76
N SER D 61 -4.48 -5.00 2.02
CA SER D 61 -4.37 -5.36 0.60
C SER D 61 -4.14 -6.87 0.46
N ALA D 62 -3.34 -7.43 1.36
CA ALA D 62 -3.04 -8.86 1.32
C ALA D 62 -4.31 -9.67 1.51
N ARG D 63 -5.15 -9.24 2.45
CA ARG D 63 -6.40 -9.92 2.71
C ARG D 63 -7.31 -9.83 1.48
N LEU D 64 -7.33 -8.68 0.84
CA LEU D 64 -8.17 -8.52 -0.35
C LEU D 64 -7.69 -9.49 -1.43
N LEU D 65 -6.38 -9.64 -1.58
CA LEU D 65 -5.87 -10.56 -2.59
C LEU D 65 -6.26 -12.00 -2.24
N GLU D 66 -6.16 -12.34 -0.96
CA GLU D 66 -6.52 -13.68 -0.50
C GLU D 66 -7.97 -13.97 -0.86
N MET D 67 -8.84 -13.00 -0.58
CA MET D 67 -10.26 -13.14 -0.88
C MET D 67 -10.52 -13.33 -2.36
N VAL D 68 -9.81 -12.57 -3.20
CA VAL D 68 -9.97 -12.68 -4.63
C VAL D 68 -9.48 -14.04 -5.13
N ILE D 69 -8.32 -14.46 -4.66
CA ILE D 69 -7.78 -15.76 -5.06
C ILE D 69 -8.77 -16.88 -4.76
N ILE D 70 -9.31 -16.89 -3.55
CA ILE D 70 -10.28 -17.91 -3.16
C ILE D 70 -11.50 -17.86 -4.08
N SER D 71 -12.01 -16.67 -4.32
CA SER D 71 -13.19 -16.53 -5.19
C SER D 71 -12.92 -17.05 -6.60
N LYS D 72 -11.72 -16.80 -7.10
CA LYS D 72 -11.35 -17.25 -8.44
C LYS D 72 -11.20 -18.76 -8.52
N LEU D 73 -10.65 -19.37 -7.49
CA LEU D 73 -10.49 -20.82 -7.50
C LEU D 73 -11.86 -21.46 -7.39
N LYS D 74 -12.76 -20.83 -6.64
CA LYS D 74 -14.11 -21.35 -6.50
C LYS D 74 -14.79 -21.29 -7.86
N GLY D 75 -14.44 -20.28 -8.64
CA GLY D 75 -15.02 -20.13 -9.96
C GLY D 75 -14.49 -21.16 -10.94
N ARG D 76 -13.23 -21.55 -10.79
CA ARG D 76 -12.64 -22.52 -11.69
C ARG D 76 -12.96 -23.95 -11.30
N LEU D 77 -12.69 -24.29 -10.04
CA LEU D 77 -12.95 -25.64 -9.52
C LEU D 77 -14.41 -25.86 -9.10
N GLY D 78 -15.11 -24.73 -8.85
CA GLY D 78 -16.54 -24.80 -8.52
C GLY D 78 -16.87 -25.64 -7.27
N GLU D 79 -16.30 -26.86 -7.21
CA GLU D 79 -16.92 -27.95 -6.43
C GLU D 79 -16.56 -27.98 -4.93
N ASP D 80 -17.45 -27.38 -4.08
CA ASP D 80 -17.36 -27.54 -2.61
C ASP D 80 -16.26 -26.70 -1.96
N ILE D 81 -15.58 -25.83 -2.70
CA ILE D 81 -14.55 -25.00 -2.07
C ILE D 81 -15.16 -24.15 -0.97
N GLU D 82 -14.78 -24.43 0.27
CA GLU D 82 -15.30 -23.71 1.43
C GLU D 82 -14.21 -22.99 2.19
N ALA D 83 -13.00 -22.97 1.61
CA ALA D 83 -11.87 -22.32 2.25
C ALA D 83 -12.10 -20.85 2.55
N ASN D 84 -11.64 -20.40 3.71
CA ASN D 84 -11.75 -19.01 4.12
C ASN D 84 -10.35 -18.40 4.15
N SER D 85 -9.35 -19.24 3.93
CA SER D 85 -7.96 -18.79 3.92
C SER D 85 -7.18 -19.51 2.83
N LEU D 86 -6.05 -18.95 2.44
CA LEU D 86 -5.22 -19.57 1.41
C LEU D 86 -4.73 -20.93 1.89
N GLU D 87 -4.45 -21.05 3.19
CA GLU D 87 -4.00 -22.33 3.73
C GLU D 87 -5.09 -23.38 3.55
N GLU D 88 -6.33 -23.00 3.84
CA GLU D 88 -7.44 -23.93 3.70
C GLU D 88 -7.67 -24.26 2.23
N LEU D 89 -7.46 -23.27 1.36
CA LEU D 89 -7.65 -23.46 -0.06
C LEU D 89 -6.66 -24.48 -0.62
N VAL D 90 -5.41 -24.38 -0.20
CA VAL D 90 -4.40 -25.31 -0.67
C VAL D 90 -4.71 -26.71 -0.15
N SER D 91 -5.19 -26.79 1.08
CA SER D 91 -5.55 -28.07 1.68
C SER D 91 -6.67 -28.71 0.85
N GLU D 92 -7.67 -27.91 0.47
CA GLU D 92 -8.79 -28.41 -0.32
C GLU D 92 -8.33 -28.86 -1.70
N ILE D 93 -7.45 -28.08 -2.31
CA ILE D 93 -6.94 -28.43 -3.63
C ILE D 93 -6.18 -29.76 -3.57
N ARG D 94 -5.39 -29.96 -2.53
CA ARG D 94 -4.65 -31.20 -2.40
C ARG D 94 -5.60 -32.39 -2.26
N LYS D 95 -6.73 -32.18 -1.58
CA LYS D 95 -7.71 -33.26 -1.40
C LYS D 95 -8.41 -33.59 -2.72
N ILE D 96 -8.74 -32.55 -3.49
CA ILE D 96 -9.41 -32.74 -4.77
C ILE D 96 -8.53 -33.50 -5.75
N TYR D 97 -7.24 -33.17 -5.78
CA TYR D 97 -6.30 -33.81 -6.71
C TYR D 97 -5.48 -34.94 -6.11
N GLY D 98 -5.82 -35.33 -4.89
CA GLY D 98 -5.10 -36.42 -4.23
C GLY D 98 -3.63 -36.15 -4.07
N GLU D 99 -3.28 -34.95 -3.59
CA GLU D 99 -1.89 -34.57 -3.41
C GLU D 99 -1.55 -34.34 -1.94
#